data_5J05
#
_entry.id   5J05
#
_entity_poly.entity_id   1
_entity_poly.type   'polydeoxyribonucleotide'
_entity_poly.pdbx_seq_one_letter_code
;(DG)(DG)(DG)(DT)(DT)(DT)(DG)(DG)(DG)(DT)(DT)(DT)(DT)(DG)(DG)(DG)(DA)(DG)(DG)(DG)
;
_entity_poly.pdbx_strand_id   A
#